data_7U09
#
_entry.id   7U09
#
_cell.length_a   43.269
_cell.length_b   69.323
_cell.length_c   150.694
_cell.angle_alpha   90.000
_cell.angle_beta   90.000
_cell.angle_gamma   90.000
#
_symmetry.space_group_name_H-M   'P 21 21 21'
#
loop_
_entity.id
_entity.type
_entity.pdbx_description
1 polymer 'Heavy chain Fab C13B8'
2 polymer 'Light chain Fab C13B8'
3 polymer 'SARS-CoV-2 S fusion peptide'
4 water water
#
loop_
_entity_poly.entity_id
_entity_poly.type
_entity_poly.pdbx_seq_one_letter_code
_entity_poly.pdbx_strand_id
1 'polypeptide(L)'
;QVQLQESGPGLVQPSQTLTLTCTVSGDSISNEDYHWTWIRQHPGKGLEWMGYLQYSGNTNYNPSLKSRMTISVDTSKNQF
SLRLNSVTAADTAVYFCATSIVLTGMSNKIQPFDYWGQGTLVTVSSASTKGPSVFPLAPSSKSTSGGTAALGCLVKDYFP
EPVTVSWNSGALTSGVHTFPAVLQSSGLYSLSSVVTVPSSSLGTQTYICNVNHKPSNTKVDKRVEPKSC
;
H
2 'polypeptide(L)'
;SYELTQPPSVSVSPGQMARITCSGEALPKKYAYWYQQKGGQFPVLVIYKDTERPSGIPERFSGSSSGTIVTLTISGVQPE
DEADYYCLSADTSGTWVFGGGTKLTVLGQPKAAPSVTLFPPSSEELQANKATLVCLISDFYPGAVTVAWKADSSPVKAGV
ETTTPSKQSNNKYAASSYLSLTPEQWKSHRSYSCQVTHEGSTVEKTVAPTECS
;
L
3 'polypeptide(L)' PSKRSFIEDLLFNK A
#
# COMPACT_ATOMS: atom_id res chain seq x y z
N GLN A 1 -3.69 6.76 24.38
CA GLN A 1 -2.98 6.14 23.27
C GLN A 1 -3.13 4.64 23.34
N VAL A 2 -3.76 4.09 22.31
CA VAL A 2 -3.91 2.65 22.19
C VAL A 2 -3.25 2.22 20.88
N GLN A 3 -2.89 0.96 20.82
CA GLN A 3 -2.36 0.35 19.61
C GLN A 3 -3.38 -0.66 19.09
N LEU A 4 -3.67 -0.58 17.80
CA LEU A 4 -4.70 -1.39 17.16
C LEU A 4 -4.05 -2.22 16.07
N GLN A 5 -4.37 -3.52 16.04
CA GLN A 5 -3.83 -4.42 15.03
C GLN A 5 -4.95 -5.27 14.46
N GLU A 6 -5.19 -5.13 13.15
CA GLU A 6 -6.17 -5.98 12.48
C GLU A 6 -5.67 -7.42 12.39
N SER A 7 -6.61 -8.35 12.21
CA SER A 7 -6.25 -9.73 11.95
C SER A 7 -5.66 -9.87 10.54
N GLY A 8 -5.14 -11.06 10.25
CA GLY A 8 -4.35 -11.28 9.06
C GLY A 8 -5.13 -11.19 7.76
N PRO A 9 -4.44 -10.83 6.68
CA PRO A 9 -5.10 -10.71 5.38
C PRO A 9 -5.39 -12.07 4.78
N GLY A 10 -6.33 -12.09 3.83
CA GLY A 10 -6.53 -13.30 3.08
C GLY A 10 -7.82 -13.29 2.28
N LEU A 11 -8.21 -14.50 1.90
CA LEU A 11 -9.28 -14.76 0.95
C LEU A 11 -10.60 -14.97 1.69
N VAL A 12 -11.68 -14.54 1.05
CA VAL A 12 -13.03 -14.92 1.44
C VAL A 12 -13.81 -15.17 0.16
N GLN A 13 -14.60 -16.23 0.15
CA GLN A 13 -15.33 -16.61 -1.06
C GLN A 13 -16.58 -15.74 -1.23
N PRO A 14 -16.98 -15.48 -2.48
CA PRO A 14 -18.20 -14.72 -2.72
C PRO A 14 -19.39 -15.39 -2.07
N SER A 15 -20.29 -14.57 -1.51
CA SER A 15 -21.51 -14.92 -0.80
C SER A 15 -21.23 -15.42 0.61
N GLN A 16 -19.97 -15.47 1.04
CA GLN A 16 -19.66 -15.87 2.40
C GLN A 16 -19.50 -14.64 3.30
N THR A 17 -19.32 -14.88 4.58
CA THR A 17 -19.22 -13.82 5.58
C THR A 17 -17.77 -13.47 5.82
N LEU A 18 -17.42 -12.21 5.58
CA LEU A 18 -16.11 -11.69 5.98
C LEU A 18 -16.10 -11.46 7.48
N THR A 19 -15.04 -11.89 8.15
CA THR A 19 -14.87 -11.65 9.57
C THR A 19 -13.45 -11.15 9.84
N LEU A 20 -13.34 -10.03 10.53
CA LEU A 20 -12.06 -9.47 10.93
C LEU A 20 -12.11 -9.07 12.39
N THR A 21 -10.95 -9.13 13.05
CA THR A 21 -10.81 -8.63 14.40
C THR A 21 -9.76 -7.53 14.44
N CYS A 22 -9.85 -6.70 15.48
CA CYS A 22 -8.85 -5.70 15.80
C CYS A 22 -8.50 -5.86 17.26
N THR A 23 -7.24 -6.16 17.56
CA THR A 23 -6.80 -6.33 18.94
C THR A 23 -6.27 -5.01 19.46
N VAL A 24 -6.80 -4.57 20.60
CA VAL A 24 -6.48 -3.28 21.20
C VAL A 24 -5.53 -3.49 22.37
N SER A 25 -4.42 -2.75 22.38
CA SER A 25 -3.46 -2.75 23.47
C SER A 25 -3.38 -1.35 24.07
N GLY A 26 -3.23 -1.26 25.40
CA GLY A 26 -3.00 -0.01 26.07
C GLY A 26 -4.17 0.51 26.88
N ASP A 27 -5.37 -0.03 26.67
CA ASP A 27 -6.55 0.39 27.41
C ASP A 27 -7.64 -0.65 27.12
N SER A 28 -8.75 -0.52 27.85
CA SER A 28 -9.80 -1.53 27.84
C SER A 28 -10.81 -1.28 26.72
N ILE A 29 -11.19 -2.35 26.03
CA ILE A 29 -12.20 -2.26 24.98
C ILE A 29 -13.55 -1.83 25.55
N SER A 30 -13.76 -2.01 26.85
CA SER A 30 -15.06 -1.72 27.44
C SER A 30 -15.25 -0.25 27.78
N ASN A 31 -14.20 0.58 27.64
CA ASN A 31 -14.33 1.99 27.98
C ASN A 31 -15.18 2.71 26.94
N GLU A 32 -16.20 3.44 27.42
CA GLU A 32 -17.17 4.08 26.56
C GLU A 32 -16.61 5.29 25.80
N ASP A 33 -15.46 5.82 26.22
CA ASP A 33 -14.85 6.94 25.51
C ASP A 33 -14.49 6.56 24.07
N TYR A 34 -14.32 5.28 23.79
CA TYR A 34 -13.77 4.83 22.52
C TYR A 34 -14.90 4.50 21.54
N HIS A 35 -14.81 5.05 20.35
CA HIS A 35 -15.71 4.73 19.25
C HIS A 35 -14.94 3.81 18.31
N TRP A 36 -15.15 2.50 18.46
CA TRP A 36 -14.37 1.52 17.72
C TRP A 36 -14.84 1.49 16.28
N THR A 37 -13.95 1.85 15.36
CA THR A 37 -14.27 2.23 14.00
C THR A 37 -13.64 1.29 12.98
N TRP A 38 -14.35 1.04 11.88
CA TRP A 38 -13.82 0.33 10.72
C TRP A 38 -13.90 1.23 9.47
N ILE A 39 -12.84 1.22 8.69
CA ILE A 39 -12.73 1.98 7.44
C ILE A 39 -12.15 1.04 6.38
N ARG A 40 -12.60 1.16 5.14
CA ARG A 40 -12.07 0.30 4.09
C ARG A 40 -11.75 1.09 2.83
N GLN A 41 -10.95 0.48 1.97
CA GLN A 41 -10.53 1.13 0.72
C GLN A 41 -10.26 0.06 -0.32
N HIS A 42 -11.13 -0.03 -1.32
CA HIS A 42 -10.88 -0.90 -2.45
C HIS A 42 -9.63 -0.42 -3.17
N PRO A 43 -8.75 -1.33 -3.60
CA PRO A 43 -7.50 -0.92 -4.24
C PRO A 43 -7.76 -0.04 -5.46
N GLY A 44 -7.07 1.09 -5.52
CA GLY A 44 -7.25 2.05 -6.58
C GLY A 44 -8.46 2.95 -6.43
N LYS A 45 -9.21 2.84 -5.33
CA LYS A 45 -10.40 3.66 -5.11
C LYS A 45 -10.24 4.43 -3.79
N GLY A 46 -11.33 5.10 -3.39
CA GLY A 46 -11.29 6.01 -2.26
C GLY A 46 -11.57 5.34 -0.93
N LEU A 47 -11.47 6.14 0.12
CA LEU A 47 -11.73 5.68 1.48
C LEU A 47 -13.22 5.67 1.77
N GLU A 48 -13.67 4.66 2.50
CA GLU A 48 -15.07 4.53 2.87
C GLU A 48 -15.19 4.27 4.37
N TRP A 49 -15.91 5.13 5.06
CA TRP A 49 -16.21 4.95 6.47
C TRP A 49 -17.34 3.92 6.59
N MET A 50 -17.14 2.89 7.42
CA MET A 50 -18.14 1.85 7.60
C MET A 50 -18.99 2.06 8.84
N GLY A 51 -18.39 2.45 9.95
CA GLY A 51 -19.14 2.80 11.13
C GLY A 51 -18.34 2.62 12.39
N TYR A 52 -18.99 2.91 13.53
CA TYR A 52 -18.35 2.67 14.80
C TYR A 52 -19.31 2.01 15.77
N LEU A 53 -18.74 1.43 16.81
CA LEU A 53 -19.48 0.82 17.91
C LEU A 53 -18.86 1.27 19.23
N GLN A 54 -19.70 1.58 20.20
CA GLN A 54 -19.27 1.79 21.57
C GLN A 54 -19.75 0.62 22.43
N TYR A 55 -19.00 0.34 23.51
CA TYR A 55 -19.26 -0.84 24.32
C TYR A 55 -20.67 -0.85 24.90
N SER A 56 -21.29 0.33 25.07
CA SER A 56 -22.66 0.36 25.57
C SER A 56 -23.66 -0.29 24.61
N GLY A 57 -23.29 -0.46 23.35
CA GLY A 57 -24.18 -0.93 22.32
C GLY A 57 -24.54 0.11 21.29
N ASN A 58 -24.30 1.39 21.60
CA ASN A 58 -24.53 2.45 20.63
C ASN A 58 -23.73 2.20 19.36
N THR A 59 -24.39 2.34 18.21
CA THR A 59 -23.75 2.13 16.93
C THR A 59 -24.06 3.28 15.99
N ASN A 60 -23.23 3.41 14.97
CA ASN A 60 -23.45 4.38 13.89
C ASN A 60 -22.84 3.76 12.64
N TYR A 61 -23.69 3.25 11.75
CA TYR A 61 -23.22 2.51 10.58
C TYR A 61 -23.47 3.31 9.31
N ASN A 62 -22.60 3.11 8.34
CA ASN A 62 -22.82 3.62 6.99
C ASN A 62 -24.18 3.11 6.47
N PRO A 63 -25.06 4.02 6.02
CA PRO A 63 -26.42 3.59 5.66
C PRO A 63 -26.49 2.58 4.53
N SER A 64 -25.52 2.58 3.60
CA SER A 64 -25.58 1.60 2.53
C SER A 64 -25.15 0.22 2.98
N LEU A 65 -24.48 0.12 4.13
CA LEU A 65 -23.95 -1.14 4.65
C LEU A 65 -24.69 -1.64 5.89
N LYS A 66 -25.66 -0.88 6.40
CA LYS A 66 -26.16 -1.15 7.74
C LYS A 66 -26.89 -2.48 7.85
N SER A 67 -27.44 -2.99 6.75
CA SER A 67 -28.11 -4.28 6.77
C SER A 67 -27.19 -5.43 6.36
N ARG A 68 -25.89 -5.15 6.16
CA ARG A 68 -24.91 -6.18 5.83
C ARG A 68 -23.82 -6.35 6.86
N MET A 69 -23.66 -5.42 7.80
CA MET A 69 -22.49 -5.38 8.64
C MET A 69 -22.87 -5.42 10.12
N THR A 70 -21.95 -5.94 10.93
CA THR A 70 -22.05 -5.87 12.38
C THR A 70 -20.66 -5.62 12.94
N ILE A 71 -20.57 -4.66 13.85
CA ILE A 71 -19.37 -4.48 14.68
C ILE A 71 -19.70 -5.02 16.06
N SER A 72 -18.78 -5.79 16.64
CA SER A 72 -19.02 -6.40 17.94
C SER A 72 -17.74 -6.36 18.77
N VAL A 73 -17.86 -6.77 20.03
CA VAL A 73 -16.79 -6.68 21.00
C VAL A 73 -16.60 -8.04 21.66
N ASP A 74 -15.34 -8.41 21.88
CA ASP A 74 -14.97 -9.61 22.63
C ASP A 74 -14.14 -9.13 23.81
N THR A 75 -14.77 -9.03 24.99
CA THR A 75 -14.12 -8.45 26.15
C THR A 75 -12.94 -9.31 26.62
N SER A 76 -13.06 -10.64 26.51
CA SER A 76 -12.02 -11.53 27.05
C SER A 76 -10.69 -11.30 26.35
N LYS A 77 -10.72 -11.06 25.04
CA LYS A 77 -9.52 -10.84 24.24
C LYS A 77 -9.22 -9.36 24.01
N ASN A 78 -10.06 -8.46 24.51
CA ASN A 78 -9.90 -7.02 24.30
C ASN A 78 -9.84 -6.69 22.81
N GLN A 79 -10.82 -7.22 22.07
CA GLN A 79 -10.90 -7.08 20.62
C GLN A 79 -12.26 -6.49 20.24
N PHE A 80 -12.30 -5.78 19.13
CA PHE A 80 -13.56 -5.59 18.42
C PHE A 80 -13.43 -6.17 17.02
N SER A 81 -14.58 -6.42 16.39
CA SER A 81 -14.61 -7.25 15.20
C SER A 81 -15.53 -6.63 14.16
N LEU A 82 -15.29 -7.00 12.91
CA LEU A 82 -16.16 -6.65 11.79
C LEU A 82 -16.73 -7.94 11.18
N ARG A 83 -18.04 -7.95 10.96
CA ARG A 83 -18.71 -9.02 10.23
C ARG A 83 -19.42 -8.39 9.05
N LEU A 84 -19.13 -8.85 7.83
CA LEU A 84 -19.76 -8.35 6.61
C LEU A 84 -20.35 -9.52 5.85
N ASN A 85 -21.66 -9.52 5.66
CA ASN A 85 -22.35 -10.65 5.07
C ASN A 85 -22.33 -10.59 3.54
N SER A 86 -22.50 -11.78 2.93
CA SER A 86 -22.77 -11.93 1.50
C SER A 86 -21.83 -11.09 0.63
N VAL A 87 -20.53 -11.25 0.85
CA VAL A 87 -19.55 -10.38 0.19
C VAL A 87 -19.46 -10.73 -1.30
N THR A 88 -19.06 -9.73 -2.09
CA THR A 88 -18.77 -9.87 -3.50
C THR A 88 -17.45 -9.17 -3.78
N ALA A 89 -17.04 -9.19 -5.06
CA ALA A 89 -15.81 -8.52 -5.46
C ALA A 89 -15.79 -7.05 -5.07
N ALA A 90 -16.97 -6.44 -4.90
CA ALA A 90 -17.04 -5.06 -4.46
C ALA A 90 -16.48 -4.86 -3.06
N ASP A 91 -16.43 -5.92 -2.25
CA ASP A 91 -15.98 -5.83 -0.87
C ASP A 91 -14.50 -6.15 -0.71
N THR A 92 -13.80 -6.46 -1.80
CA THR A 92 -12.34 -6.53 -1.75
C THR A 92 -11.80 -5.17 -1.37
N ALA A 93 -10.98 -5.12 -0.31
CA ALA A 93 -10.47 -3.83 0.14
C ALA A 93 -9.39 -4.06 1.19
N VAL A 94 -8.63 -3.00 1.44
CA VAL A 94 -7.87 -2.91 2.67
C VAL A 94 -8.83 -2.41 3.75
N TYR A 95 -8.94 -3.16 4.83
CA TYR A 95 -9.79 -2.80 5.96
C TYR A 95 -8.91 -2.28 7.10
N PHE A 96 -9.16 -1.04 7.54
CA PHE A 96 -8.43 -0.43 8.64
C PHE A 96 -9.33 -0.37 9.87
N CYS A 97 -8.81 -0.81 11.01
CA CYS A 97 -9.51 -0.48 12.26
C CYS A 97 -8.93 0.80 12.83
N ALA A 98 -9.79 1.54 13.53
CA ALA A 98 -9.40 2.81 14.11
C ALA A 98 -10.30 3.08 15.30
N THR A 99 -10.02 4.17 16.00
CA THR A 99 -10.86 4.55 17.11
C THR A 99 -10.90 6.07 17.22
N SER A 100 -12.00 6.57 17.77
CA SER A 100 -12.17 7.99 18.07
C SER A 100 -12.57 8.12 19.53
N ILE A 101 -11.94 9.06 20.22
CA ILE A 101 -12.04 9.18 21.68
C ILE A 101 -12.83 10.43 22.02
N VAL A 102 -13.83 10.28 22.88
CA VAL A 102 -14.51 11.41 23.51
C VAL A 102 -14.31 11.28 25.02
N LEU A 103 -13.66 12.27 25.61
CA LEU A 103 -13.51 12.33 27.06
C LEU A 103 -14.66 13.11 27.66
N THR A 104 -15.19 12.61 28.77
CA THR A 104 -16.23 13.33 29.49
C THR A 104 -15.74 14.73 29.83
N GLY A 105 -16.49 15.74 29.37
CA GLY A 105 -16.16 17.11 29.68
C GLY A 105 -15.30 17.81 28.65
N MET A 106 -14.88 17.14 27.59
CA MET A 106 -14.14 17.82 26.54
C MET A 106 -15.10 18.66 25.70
N SER A 107 -14.62 19.82 25.25
CA SER A 107 -15.40 20.70 24.42
C SER A 107 -14.74 20.98 23.07
N ASN A 108 -13.49 20.58 22.88
CA ASN A 108 -12.77 20.80 21.63
C ASN A 108 -12.09 19.49 21.23
N LYS A 109 -12.57 18.88 20.14
CA LYS A 109 -12.01 17.64 19.63
C LYS A 109 -11.44 17.90 18.25
N ILE A 110 -10.18 17.56 18.06
CA ILE A 110 -9.46 17.88 16.83
C ILE A 110 -9.42 16.72 15.86
N GLN A 111 -9.21 15.49 16.35
CA GLN A 111 -8.92 14.36 15.48
C GLN A 111 -10.14 13.48 15.32
N PRO A 112 -10.73 13.37 14.12
CA PRO A 112 -11.79 12.37 13.93
C PRO A 112 -11.34 10.94 14.19
N PHE A 113 -10.08 10.61 13.89
CA PHE A 113 -9.52 9.30 14.19
C PHE A 113 -8.25 9.51 15.00
N ASP A 114 -8.29 9.11 16.27
CA ASP A 114 -7.18 9.38 17.17
C ASP A 114 -6.06 8.36 17.01
N TYR A 115 -6.42 7.08 16.88
CA TYR A 115 -5.46 6.00 16.71
C TYR A 115 -6.01 5.03 15.69
N TRP A 116 -5.11 4.31 15.01
CA TRP A 116 -5.51 3.52 13.88
C TRP A 116 -4.53 2.38 13.66
N GLY A 117 -5.01 1.31 13.05
CA GLY A 117 -4.15 0.28 12.52
C GLY A 117 -3.65 0.68 11.15
N GLN A 118 -2.87 -0.21 10.53
CA GLN A 118 -2.36 0.04 9.19
C GLN A 118 -3.00 -0.85 8.14
N GLY A 119 -4.13 -1.48 8.46
CA GLY A 119 -4.98 -2.10 7.47
C GLY A 119 -4.59 -3.53 7.14
N THR A 120 -5.58 -4.27 6.63
CA THR A 120 -5.39 -5.65 6.23
C THR A 120 -6.21 -5.91 4.96
N LEU A 121 -5.59 -6.58 4.00
CA LEU A 121 -6.17 -6.74 2.68
C LEU A 121 -7.03 -7.99 2.62
N VAL A 122 -8.33 -7.81 2.40
CA VAL A 122 -9.25 -8.92 2.22
C VAL A 122 -9.57 -9.02 0.74
N THR A 123 -9.30 -10.18 0.14
CA THR A 123 -9.59 -10.42 -1.27
C THR A 123 -10.81 -11.33 -1.37
N VAL A 124 -11.87 -10.84 -2.01
CA VAL A 124 -13.06 -11.64 -2.27
C VAL A 124 -12.85 -12.36 -3.60
N SER A 125 -12.66 -13.67 -3.54
CA SER A 125 -12.38 -14.44 -4.74
C SER A 125 -12.81 -15.88 -4.52
N SER A 126 -13.32 -16.51 -5.57
CA SER A 126 -13.59 -17.94 -5.55
C SER A 126 -12.37 -18.78 -5.90
N ALA A 127 -11.26 -18.16 -6.25
CA ALA A 127 -10.03 -18.89 -6.50
C ALA A 127 -9.46 -19.42 -5.19
N SER A 128 -8.47 -20.31 -5.30
CA SER A 128 -7.88 -20.94 -4.14
C SER A 128 -6.55 -20.30 -3.80
N THR A 129 -6.23 -20.31 -2.51
CA THR A 129 -4.95 -19.79 -2.04
C THR A 129 -3.80 -20.62 -2.60
N LYS A 130 -2.66 -19.98 -2.79
CA LYS A 130 -1.43 -20.70 -3.11
C LYS A 130 -0.25 -20.03 -2.41
N GLY A 131 0.51 -20.82 -1.67
CA GLY A 131 1.72 -20.36 -1.03
C GLY A 131 2.85 -20.17 -2.02
N PRO A 132 3.82 -19.33 -1.68
CA PRO A 132 4.89 -19.00 -2.62
C PRO A 132 6.01 -20.04 -2.63
N SER A 133 6.64 -20.16 -3.80
CA SER A 133 7.95 -20.79 -3.92
C SER A 133 8.99 -19.68 -3.88
N VAL A 134 10.01 -19.86 -3.05
CA VAL A 134 11.01 -18.82 -2.82
C VAL A 134 12.35 -19.31 -3.34
N PHE A 135 12.97 -18.51 -4.21
CA PHE A 135 14.26 -18.85 -4.77
C PHE A 135 15.28 -17.76 -4.46
N PRO A 136 16.54 -18.11 -4.23
CA PRO A 136 17.55 -17.10 -3.95
C PRO A 136 18.07 -16.46 -5.24
N LEU A 137 18.24 -15.13 -5.20
CA LEU A 137 18.87 -14.40 -6.28
C LEU A 137 20.31 -14.14 -5.82
N ALA A 138 21.19 -15.08 -6.16
CA ALA A 138 22.50 -15.16 -5.55
C ALA A 138 23.37 -14.00 -6.01
N PRO A 139 24.17 -13.42 -5.12
CA PRO A 139 25.16 -12.43 -5.55
C PRO A 139 26.33 -13.12 -6.25
N SER A 140 26.72 -12.56 -7.39
CA SER A 140 27.90 -13.03 -8.09
C SER A 140 28.77 -11.83 -8.47
N SER A 141 29.80 -12.05 -9.28
CA SER A 141 30.50 -10.90 -9.85
C SER A 141 29.63 -10.19 -10.88
N LYS A 142 28.58 -10.83 -11.36
CA LYS A 142 27.65 -10.24 -12.31
C LYS A 142 26.55 -9.42 -11.66
N SER A 143 26.39 -9.51 -10.34
CA SER A 143 25.45 -8.66 -9.62
C SER A 143 26.16 -7.71 -8.66
N THR A 144 27.46 -7.54 -8.81
CA THR A 144 28.26 -6.65 -7.96
C THR A 144 28.65 -5.42 -8.76
N SER A 145 28.42 -4.25 -8.19
CA SER A 145 28.74 -2.97 -8.83
C SER A 145 29.65 -2.17 -7.90
N GLY A 146 30.95 -2.18 -8.17
CA GLY A 146 31.87 -1.45 -7.33
C GLY A 146 31.86 -1.96 -5.90
N GLY A 147 31.82 -1.04 -4.96
CA GLY A 147 31.87 -1.41 -3.55
C GLY A 147 30.68 -2.23 -3.08
N THR A 148 29.57 -2.20 -3.80
CA THR A 148 28.32 -2.79 -3.32
C THR A 148 27.84 -3.89 -4.26
N ALA A 149 27.24 -4.92 -3.68
CA ALA A 149 26.70 -6.05 -4.42
C ALA A 149 25.21 -6.19 -4.13
N ALA A 150 24.48 -6.65 -5.14
CA ALA A 150 23.04 -6.87 -5.00
C ALA A 150 22.76 -8.37 -4.90
N LEU A 151 21.86 -8.71 -3.98
CA LEU A 151 21.36 -10.06 -3.84
C LEU A 151 19.89 -9.96 -3.46
N GLY A 152 19.15 -11.03 -3.69
CA GLY A 152 17.74 -10.95 -3.42
C GLY A 152 17.06 -12.28 -3.29
N CYS A 153 15.73 -12.21 -3.25
CA CYS A 153 14.87 -13.38 -3.20
C CYS A 153 13.75 -13.21 -4.22
N LEU A 154 13.49 -14.27 -4.98
CA LEU A 154 12.37 -14.33 -5.91
C LEU A 154 11.23 -15.09 -5.24
N VAL A 155 10.10 -14.42 -5.06
CA VAL A 155 8.92 -14.98 -4.42
C VAL A 155 7.93 -15.29 -5.53
N LYS A 156 7.81 -16.58 -5.86
CA LYS A 156 7.20 -17.01 -7.12
C LYS A 156 5.82 -17.62 -6.89
N ASP A 157 4.84 -17.17 -7.67
CA ASP A 157 3.57 -17.88 -7.89
C ASP A 157 2.79 -18.07 -6.59
N TYR A 158 2.24 -16.97 -6.09
CA TYR A 158 1.41 -17.01 -4.90
C TYR A 158 0.09 -16.29 -5.16
N PHE A 159 -0.89 -16.58 -4.30
CA PHE A 159 -2.18 -15.92 -4.36
C PHE A 159 -2.87 -16.10 -3.03
N PRO A 160 -3.55 -15.07 -2.50
CA PRO A 160 -3.61 -13.71 -3.04
C PRO A 160 -2.51 -12.85 -2.48
N GLU A 161 -2.55 -11.55 -2.78
CA GLU A 161 -1.74 -10.60 -2.05
C GLU A 161 -2.21 -10.58 -0.59
N PRO A 162 -1.38 -10.11 0.34
CA PRO A 162 -0.02 -9.59 0.16
C PRO A 162 1.08 -10.53 0.61
N VAL A 163 2.30 -10.20 0.21
CA VAL A 163 3.52 -10.80 0.72
C VAL A 163 4.40 -9.70 1.27
N THR A 164 5.01 -9.93 2.43
CA THR A 164 5.99 -9.03 2.99
C THR A 164 7.33 -9.75 3.08
N VAL A 165 8.40 -9.00 2.85
CA VAL A 165 9.75 -9.55 2.89
C VAL A 165 10.59 -8.69 3.81
N SER A 166 11.29 -9.32 4.74
CA SER A 166 12.33 -8.67 5.51
C SER A 166 13.64 -9.41 5.28
N TRP A 167 14.72 -8.85 5.81
CA TRP A 167 16.04 -9.44 5.68
C TRP A 167 16.69 -9.54 7.05
N ASN A 168 17.22 -10.73 7.37
CA ASN A 168 17.82 -11.00 8.66
C ASN A 168 16.89 -10.57 9.80
N SER A 169 15.62 -10.98 9.68
CA SER A 169 14.63 -10.77 10.73
C SER A 169 14.42 -9.29 11.06
N GLY A 170 14.62 -8.42 10.07
CA GLY A 170 14.40 -7.01 10.25
C GLY A 170 15.62 -6.22 10.67
N ALA A 171 16.71 -6.89 11.03
CA ALA A 171 17.91 -6.17 11.48
C ALA A 171 18.56 -5.39 10.35
N LEU A 172 18.42 -5.87 9.12
CA LEU A 172 19.00 -5.24 7.95
C LEU A 172 17.91 -4.41 7.28
N THR A 173 18.01 -3.08 7.39
CA THR A 173 17.06 -2.16 6.78
C THR A 173 17.70 -1.31 5.70
N SER A 174 18.94 -0.87 5.89
CA SER A 174 19.64 -0.12 4.87
C SER A 174 19.82 -0.96 3.61
N GLY A 175 19.57 -0.34 2.45
CA GLY A 175 19.80 -1.00 1.18
C GLY A 175 18.74 -1.98 0.75
N VAL A 176 17.61 -2.06 1.45
CA VAL A 176 16.54 -2.98 1.07
C VAL A 176 15.70 -2.32 -0.02
N HIS A 177 15.58 -3.00 -1.16
CA HIS A 177 14.88 -2.47 -2.31
C HIS A 177 13.53 -3.15 -2.45
N THR A 178 12.48 -2.34 -2.46
CA THR A 178 11.11 -2.82 -2.54
C THR A 178 10.63 -2.76 -3.99
N PHE A 179 9.84 -3.77 -4.39
CA PHE A 179 9.34 -3.87 -5.76
C PHE A 179 7.88 -4.28 -5.77
N PRO A 180 7.07 -3.68 -6.64
CA PRO A 180 5.68 -4.15 -6.79
C PRO A 180 5.65 -5.57 -7.34
N ALA A 181 4.58 -6.29 -7.02
CA ALA A 181 4.39 -7.63 -7.54
C ALA A 181 3.84 -7.56 -8.97
N VAL A 182 4.16 -8.59 -9.76
CA VAL A 182 3.57 -8.74 -11.08
C VAL A 182 2.40 -9.71 -10.96
N LEU A 183 1.36 -9.44 -11.73
CA LEU A 183 0.19 -10.30 -11.82
C LEU A 183 0.27 -11.07 -13.13
N GLN A 184 0.48 -12.37 -13.04
CA GLN A 184 0.75 -13.18 -14.22
C GLN A 184 -0.54 -13.64 -14.89
N SER A 185 -0.40 -14.10 -16.14
CA SER A 185 -1.56 -14.54 -16.91
C SER A 185 -2.26 -15.74 -16.28
N SER A 186 -1.59 -16.46 -15.38
CA SER A 186 -2.16 -17.64 -14.75
C SER A 186 -3.00 -17.33 -13.52
N GLY A 187 -3.06 -16.07 -13.10
CA GLY A 187 -3.77 -15.70 -11.89
C GLY A 187 -2.91 -15.61 -10.65
N LEU A 188 -1.61 -15.86 -10.76
CA LEU A 188 -0.71 -15.89 -9.62
C LEU A 188 0.22 -14.68 -9.65
N TYR A 189 0.64 -14.26 -8.46
CA TYR A 189 1.56 -13.14 -8.31
C TYR A 189 2.98 -13.64 -8.10
N SER A 190 3.94 -12.82 -8.52
CA SER A 190 5.34 -13.00 -8.15
C SER A 190 5.92 -11.63 -7.81
N LEU A 191 6.84 -11.60 -6.85
CA LEU A 191 7.55 -10.39 -6.53
C LEU A 191 9.00 -10.72 -6.23
N SER A 192 9.84 -9.68 -6.22
CA SER A 192 11.24 -9.81 -5.88
C SER A 192 11.57 -8.82 -4.77
N SER A 193 12.57 -9.16 -3.99
CA SER A 193 13.12 -8.28 -2.97
C SER A 193 14.63 -8.35 -3.06
N VAL A 194 15.29 -7.19 -3.03
CA VAL A 194 16.73 -7.10 -3.22
C VAL A 194 17.31 -6.22 -2.12
N VAL A 195 18.47 -6.61 -1.61
CA VAL A 195 19.25 -5.78 -0.72
C VAL A 195 20.64 -5.60 -1.31
N THR A 196 21.14 -4.37 -1.30
CA THR A 196 22.50 -4.09 -1.69
C THR A 196 23.36 -4.02 -0.44
N VAL A 197 24.45 -4.77 -0.44
CA VAL A 197 25.33 -4.91 0.73
C VAL A 197 26.76 -4.70 0.30
N PRO A 198 27.67 -4.44 1.23
CA PRO A 198 29.09 -4.36 0.87
C PRO A 198 29.56 -5.69 0.28
N SER A 199 30.31 -5.59 -0.83
CA SER A 199 30.82 -6.78 -1.50
C SER A 199 31.72 -7.60 -0.57
N SER A 200 32.42 -6.93 0.35
CA SER A 200 33.35 -7.61 1.24
C SER A 200 32.64 -8.41 2.32
N SER A 201 31.36 -8.14 2.58
CA SER A 201 30.64 -8.86 3.62
C SER A 201 30.15 -10.24 3.17
N LEU A 202 30.29 -10.57 1.89
CA LEU A 202 29.62 -11.76 1.34
C LEU A 202 30.18 -13.05 1.92
N GLY A 203 31.48 -13.10 2.20
CA GLY A 203 32.06 -14.34 2.71
C GLY A 203 31.71 -14.63 4.15
N THR A 204 31.48 -13.59 4.95
CA THR A 204 31.33 -13.75 6.39
C THR A 204 29.92 -13.50 6.90
N GLN A 205 29.17 -12.59 6.29
CA GLN A 205 27.85 -12.23 6.78
C GLN A 205 26.79 -13.12 6.16
N THR A 206 25.94 -13.68 7.00
CA THR A 206 24.82 -14.50 6.53
C THR A 206 23.64 -13.61 6.16
N TYR A 207 23.04 -13.85 4.99
CA TYR A 207 21.90 -13.08 4.52
C TYR A 207 20.72 -14.01 4.31
N ILE A 208 19.59 -13.67 4.92
CA ILE A 208 18.38 -14.48 4.90
C ILE A 208 17.18 -13.56 4.65
N CYS A 209 16.41 -13.86 3.62
CA CYS A 209 15.15 -13.15 3.39
C CYS A 209 14.03 -13.88 4.11
N ASN A 210 13.21 -13.13 4.84
CA ASN A 210 12.10 -13.67 5.62
C ASN A 210 10.81 -13.34 4.88
N VAL A 211 10.24 -14.34 4.24
CA VAL A 211 9.07 -14.16 3.39
C VAL A 211 7.84 -14.56 4.18
N ASN A 212 6.86 -13.66 4.26
CA ASN A 212 5.62 -13.90 4.98
C ASN A 212 4.46 -13.83 3.99
N HIS A 213 3.74 -14.94 3.84
CA HIS A 213 2.52 -14.98 3.03
C HIS A 213 1.39 -15.43 3.95
N LYS A 214 0.82 -14.48 4.69
CA LYS A 214 -0.20 -14.80 5.68
C LYS A 214 -1.48 -15.39 5.09
N PRO A 215 -1.94 -15.05 3.88
CA PRO A 215 -3.15 -15.71 3.37
C PRO A 215 -3.03 -17.22 3.22
N SER A 216 -1.82 -17.76 3.07
CA SER A 216 -1.62 -19.20 3.05
C SER A 216 -0.99 -19.72 4.34
N ASN A 217 -0.83 -18.86 5.34
CA ASN A 217 -0.22 -19.23 6.62
C ASN A 217 1.16 -19.83 6.42
N THR A 218 1.92 -19.24 5.50
CA THR A 218 3.24 -19.73 5.14
C THR A 218 4.28 -18.66 5.43
N LYS A 219 5.39 -19.08 6.03
CA LYS A 219 6.57 -18.23 6.14
C LYS A 219 7.77 -19.03 5.66
N VAL A 220 8.66 -18.36 4.92
CA VAL A 220 9.88 -18.97 4.41
C VAL A 220 11.06 -18.08 4.76
N ASP A 221 12.05 -18.66 5.44
CA ASP A 221 13.35 -18.02 5.66
C ASP A 221 14.34 -18.65 4.68
N LYS A 222 14.81 -17.88 3.72
CA LYS A 222 15.65 -18.38 2.64
C LYS A 222 17.06 -17.83 2.79
N ARG A 223 18.04 -18.73 2.94
CA ARG A 223 19.43 -18.33 2.93
C ARG A 223 19.87 -18.00 1.51
N VAL A 224 20.51 -16.84 1.32
CA VAL A 224 21.01 -16.42 0.03
C VAL A 224 22.52 -16.41 0.11
N GLU A 225 23.16 -17.40 -0.51
CA GLU A 225 24.60 -17.50 -0.42
C GLU A 225 25.26 -17.14 -1.74
N PRO A 226 26.47 -16.59 -1.72
CA PRO A 226 27.11 -16.13 -2.96
C PRO A 226 27.41 -17.30 -3.89
N LYS A 227 27.49 -16.98 -5.19
CA LYS A 227 27.74 -17.98 -6.21
C LYS A 227 29.23 -18.07 -6.56
N TYR B 2 -25.73 11.04 0.73
CA TYR B 2 -24.93 12.25 0.79
C TYR B 2 -23.53 12.01 0.25
N GLU B 3 -23.11 12.86 -0.69
CA GLU B 3 -21.82 12.70 -1.36
C GLU B 3 -21.04 13.99 -1.26
N LEU B 4 -19.75 13.89 -0.92
CA LEU B 4 -18.82 15.00 -0.97
C LEU B 4 -17.99 14.87 -2.25
N THR B 5 -18.06 15.89 -3.10
CA THR B 5 -17.51 15.83 -4.45
C THR B 5 -16.19 16.59 -4.51
N GLN B 6 -15.15 15.91 -4.97
CA GLN B 6 -13.83 16.50 -5.17
C GLN B 6 -13.42 16.32 -6.63
N PRO B 7 -12.52 17.16 -7.14
CA PRO B 7 -11.94 16.91 -8.46
C PRO B 7 -11.12 15.63 -8.45
N PRO B 8 -11.19 14.82 -9.50
CA PRO B 8 -10.46 13.54 -9.48
C PRO B 8 -8.96 13.72 -9.39
N SER B 9 -8.40 14.72 -10.07
CA SER B 9 -6.96 14.89 -10.10
C SER B 9 -6.61 16.37 -10.21
N VAL B 10 -5.48 16.74 -9.59
CA VAL B 10 -4.90 18.06 -9.71
C VAL B 10 -3.43 17.87 -10.05
N SER B 11 -3.04 18.21 -11.27
CA SER B 11 -1.66 18.06 -11.72
C SER B 11 -0.98 19.43 -11.70
N VAL B 12 0.12 19.52 -10.97
CA VAL B 12 0.78 20.80 -10.67
C VAL B 12 2.28 20.57 -10.60
N SER B 13 3.05 21.50 -11.18
CA SER B 13 4.50 21.43 -11.08
C SER B 13 4.98 22.04 -9.76
N PRO B 14 6.20 21.71 -9.33
CA PRO B 14 6.65 22.16 -8.00
C PRO B 14 6.73 23.68 -7.93
N GLY B 15 6.35 24.22 -6.77
CA GLY B 15 6.32 25.65 -6.56
C GLY B 15 4.99 26.30 -6.87
N GLN B 16 4.21 25.73 -7.79
CA GLN B 16 2.91 26.29 -8.09
C GLN B 16 1.94 26.07 -6.93
N MET B 17 0.87 26.85 -6.91
CA MET B 17 -0.13 26.72 -5.85
C MET B 17 -1.14 25.65 -6.22
N ALA B 18 -1.42 24.75 -5.29
CA ALA B 18 -2.43 23.72 -5.48
C ALA B 18 -3.67 24.09 -4.68
N ARG B 19 -4.83 23.86 -5.28
CA ARG B 19 -6.12 24.09 -4.63
C ARG B 19 -7.01 22.90 -4.90
N ILE B 20 -7.52 22.29 -3.83
CA ILE B 20 -8.38 21.12 -3.92
C ILE B 20 -9.68 21.46 -3.23
N THR B 21 -10.78 21.39 -3.98
CA THR B 21 -12.06 21.71 -3.42
C THR B 21 -12.78 20.47 -2.94
N CYS B 22 -13.84 20.69 -2.19
CA CYS B 22 -14.75 19.65 -1.74
C CYS B 22 -16.10 20.32 -1.50
N SER B 23 -17.13 19.84 -2.17
CA SER B 23 -18.44 20.46 -2.10
C SER B 23 -19.48 19.46 -1.62
N GLY B 24 -20.40 19.94 -0.80
CA GLY B 24 -21.46 19.13 -0.24
C GLY B 24 -22.53 20.07 0.29
N GLU B 25 -23.80 19.71 0.14
CA GLU B 25 -24.86 20.65 0.49
C GLU B 25 -24.95 20.90 1.99
N ALA B 26 -24.37 20.04 2.82
CA ALA B 26 -24.45 20.19 4.26
C ALA B 26 -23.22 20.86 4.86
N LEU B 27 -22.21 21.17 4.05
CA LEU B 27 -21.03 21.86 4.55
C LEU B 27 -21.31 23.20 5.24
N PRO B 28 -22.32 24.00 4.85
CA PRO B 28 -22.63 25.20 5.65
C PRO B 28 -22.97 24.90 7.11
N LYS B 29 -23.33 23.67 7.44
CA LYS B 29 -23.65 23.31 8.82
C LYS B 29 -22.73 22.26 9.41
N LYS B 30 -21.83 21.68 8.62
CA LYS B 30 -20.98 20.59 9.08
C LYS B 30 -19.53 20.89 8.74
N TYR B 31 -18.65 20.77 9.74
CA TYR B 31 -17.24 21.02 9.53
C TYR B 31 -16.64 20.00 8.57
N ALA B 32 -15.59 20.43 7.87
CA ALA B 32 -14.84 19.57 6.97
C ALA B 32 -13.44 19.32 7.54
N TYR B 33 -12.90 18.15 7.22
CA TYR B 33 -11.57 17.75 7.62
C TYR B 33 -10.84 17.24 6.37
N TRP B 34 -9.57 17.63 6.24
CA TRP B 34 -8.76 17.25 5.09
C TRP B 34 -7.71 16.22 5.50
N TYR B 35 -7.61 15.15 4.72
CA TYR B 35 -6.70 14.05 5.00
C TYR B 35 -5.74 13.84 3.84
N GLN B 36 -4.52 13.46 4.18
CA GLN B 36 -3.48 13.14 3.22
C GLN B 36 -3.16 11.66 3.30
N GLN B 37 -3.22 10.97 2.16
CA GLN B 37 -2.88 9.56 2.10
C GLN B 37 -1.71 9.35 1.16
N LYS B 38 -0.69 8.64 1.62
CA LYS B 38 0.46 8.23 0.83
C LYS B 38 0.63 6.73 0.92
N GLY B 39 0.86 6.09 -0.22
CA GLY B 39 1.17 4.67 -0.26
C GLY B 39 0.15 3.76 0.39
N GLY B 40 -1.15 4.06 0.22
CA GLY B 40 -2.19 3.20 0.73
C GLY B 40 -2.25 3.09 2.25
N GLN B 41 -1.49 3.94 2.94
CA GLN B 41 -1.48 3.96 4.39
C GLN B 41 -2.69 4.70 4.93
N PHE B 42 -2.89 4.58 6.24
CA PHE B 42 -3.97 5.31 6.88
C PHE B 42 -3.71 6.81 6.72
N PRO B 43 -4.73 7.60 6.39
CA PRO B 43 -4.50 9.01 6.07
C PRO B 43 -4.18 9.84 7.30
N VAL B 44 -3.51 10.97 7.04
CA VAL B 44 -3.07 11.89 8.07
C VAL B 44 -3.85 13.19 7.93
N LEU B 45 -4.35 13.70 9.06
CA LEU B 45 -5.12 14.95 9.05
C LEU B 45 -4.17 16.14 8.85
N VAL B 46 -4.45 16.94 7.82
CA VAL B 46 -3.64 18.13 7.55
C VAL B 46 -4.37 19.43 7.84
N ILE B 47 -5.70 19.43 7.85
CA ILE B 47 -6.51 20.61 8.16
C ILE B 47 -7.78 20.13 8.85
N TYR B 48 -8.13 20.73 9.99
CA TYR B 48 -9.35 20.35 10.69
C TYR B 48 -10.28 21.56 10.84
N LYS B 49 -11.58 21.26 10.83
CA LYS B 49 -12.64 22.27 10.99
C LYS B 49 -12.49 23.40 9.99
N ASP B 50 -12.41 23.03 8.71
CA ASP B 50 -12.35 23.96 7.57
C ASP B 50 -11.03 24.70 7.45
N THR B 51 -10.56 25.31 8.55
CA THR B 51 -9.49 26.31 8.47
C THR B 51 -8.28 26.04 9.36
N GLU B 52 -8.38 25.16 10.35
CA GLU B 52 -7.34 25.05 11.37
C GLU B 52 -6.28 24.04 10.98
N ARG B 53 -5.04 24.32 11.36
CA ARG B 53 -3.90 23.48 11.03
C ARG B 53 -3.44 22.71 12.27
N PRO B 54 -3.38 21.39 12.22
CA PRO B 54 -2.87 20.64 13.37
C PRO B 54 -1.39 20.89 13.60
N SER B 55 -0.96 20.61 14.82
CA SER B 55 0.44 20.75 15.17
C SER B 55 1.28 19.72 14.42
N GLY B 56 2.50 20.10 14.06
CA GLY B 56 3.37 19.25 13.28
C GLY B 56 3.12 19.26 11.79
N ILE B 57 2.09 19.97 11.34
CA ILE B 57 1.74 20.08 9.92
C ILE B 57 2.45 21.32 9.36
N PRO B 58 3.02 21.26 8.17
CA PRO B 58 3.72 22.43 7.64
C PRO B 58 2.77 23.60 7.42
N GLU B 59 3.30 24.82 7.65
CA GLU B 59 2.50 26.03 7.52
C GLU B 59 2.03 26.29 6.10
N ARG B 60 2.59 25.60 5.11
CA ARG B 60 2.19 25.81 3.73
C ARG B 60 0.80 25.25 3.44
N PHE B 61 0.27 24.40 4.33
CA PHE B 61 -1.09 23.89 4.20
C PHE B 61 -2.07 24.86 4.85
N SER B 62 -3.11 25.21 4.11
CA SER B 62 -4.16 26.07 4.65
C SER B 62 -5.51 25.61 4.11
N GLY B 63 -6.58 26.09 4.73
CA GLY B 63 -7.91 25.72 4.32
C GLY B 63 -8.88 26.87 4.51
N SER B 64 -9.87 26.95 3.61
CA SER B 64 -10.88 27.97 3.68
C SER B 64 -12.25 27.35 3.43
N SER B 65 -13.28 28.15 3.67
CA SER B 65 -14.67 27.71 3.53
C SER B 65 -15.47 28.81 2.84
N SER B 66 -16.32 28.41 1.90
CA SER B 66 -17.24 29.31 1.24
C SER B 66 -18.62 28.63 1.17
N GLY B 67 -19.12 28.24 2.34
CA GLY B 67 -20.42 27.62 2.44
C GLY B 67 -20.45 26.18 1.96
N THR B 68 -21.01 25.95 0.78
CA THR B 68 -21.13 24.59 0.25
C THR B 68 -19.82 24.05 -0.31
N ILE B 69 -18.80 24.88 -0.47
CA ILE B 69 -17.50 24.46 -0.99
C ILE B 69 -16.42 24.81 0.01
N VAL B 70 -15.59 23.83 0.34
CA VAL B 70 -14.39 24.05 1.14
C VAL B 70 -13.18 23.74 0.28
N THR B 71 -12.08 24.44 0.54
CA THR B 71 -10.91 24.37 -0.33
C THR B 71 -9.66 24.16 0.51
N LEU B 72 -8.93 23.09 0.22
CA LEU B 72 -7.59 22.89 0.74
C LEU B 72 -6.60 23.55 -0.20
N THR B 73 -5.71 24.38 0.35
CA THR B 73 -4.72 25.10 -0.43
C THR B 73 -3.33 24.78 0.08
N ILE B 74 -2.43 24.42 -0.83
CA ILE B 74 -1.03 24.18 -0.51
C ILE B 74 -0.21 25.22 -1.26
N SER B 75 0.36 26.17 -0.53
CA SER B 75 1.32 27.09 -1.10
C SER B 75 2.71 26.48 -1.06
N GLY B 76 3.53 26.84 -2.04
CA GLY B 76 4.84 26.24 -2.16
C GLY B 76 4.79 24.72 -2.20
N VAL B 77 4.10 24.17 -3.20
CA VAL B 77 3.92 22.72 -3.29
C VAL B 77 5.28 22.06 -3.43
N GLN B 78 5.52 21.04 -2.60
CA GLN B 78 6.76 20.29 -2.58
C GLN B 78 6.54 18.88 -3.14
N PRO B 79 7.60 18.23 -3.63
CA PRO B 79 7.45 16.84 -4.08
C PRO B 79 6.87 15.91 -3.04
N GLU B 80 7.12 16.16 -1.76
CA GLU B 80 6.57 15.32 -0.70
C GLU B 80 5.06 15.46 -0.59
N ASP B 81 4.52 16.61 -1.00
CA ASP B 81 3.08 16.82 -0.95
C ASP B 81 2.33 16.00 -1.98
N GLU B 82 3.03 15.33 -2.89
CA GLU B 82 2.40 14.42 -3.82
C GLU B 82 1.70 13.31 -3.04
N ALA B 83 0.38 13.27 -3.10
CA ALA B 83 -0.41 12.33 -2.32
C ALA B 83 -1.84 12.37 -2.83
N ASP B 84 -2.68 11.54 -2.24
CA ASP B 84 -4.12 11.60 -2.44
C ASP B 84 -4.75 12.31 -1.24
N TYR B 85 -5.71 13.18 -1.51
CA TYR B 85 -6.33 14.01 -0.49
C TYR B 85 -7.82 13.75 -0.43
N TYR B 86 -8.34 13.63 0.80
CA TYR B 86 -9.74 13.31 1.04
C TYR B 86 -10.31 14.31 2.05
N CYS B 87 -11.45 14.91 1.71
CA CYS B 87 -12.21 15.65 2.71
C CYS B 87 -13.11 14.69 3.50
N LEU B 88 -13.30 15.00 4.77
CA LEU B 88 -14.19 14.24 5.64
C LEU B 88 -15.18 15.19 6.28
N SER B 89 -16.45 14.84 6.23
CA SER B 89 -17.49 15.61 6.92
C SER B 89 -18.58 14.63 7.32
N ALA B 90 -19.78 15.15 7.58
CA ALA B 90 -20.92 14.30 7.90
C ALA B 90 -22.17 14.87 7.26
N ASP B 91 -23.16 14.01 7.04
CA ASP B 91 -24.47 14.47 6.62
C ASP B 91 -25.30 14.85 7.86
N THR B 92 -26.51 15.35 7.64
CA THR B 92 -27.32 15.81 8.76
C THR B 92 -27.80 14.68 9.65
N SER B 93 -27.69 13.42 9.21
CA SER B 93 -28.09 12.27 10.01
C SER B 93 -26.97 11.76 10.93
N GLY B 94 -25.76 12.28 10.80
CA GLY B 94 -24.65 11.84 11.63
C GLY B 94 -23.75 10.80 10.98
N THR B 95 -23.99 10.44 9.73
CA THR B 95 -23.11 9.55 8.98
C THR B 95 -21.83 10.30 8.59
N TRP B 96 -20.67 9.75 8.97
CA TRP B 96 -19.40 10.31 8.52
C TRP B 96 -19.14 9.90 7.06
N VAL B 97 -18.70 10.86 6.25
CA VAL B 97 -18.64 10.70 4.80
C VAL B 97 -17.30 11.21 4.28
N PHE B 98 -16.56 10.33 3.61
CA PHE B 98 -15.36 10.72 2.88
C PHE B 98 -15.73 11.24 1.50
N GLY B 99 -15.05 12.31 1.07
CA GLY B 99 -15.11 12.71 -0.31
C GLY B 99 -14.47 11.66 -1.21
N GLY B 100 -14.66 11.84 -2.52
CA GLY B 100 -14.16 10.88 -3.49
C GLY B 100 -12.65 10.83 -3.61
N GLY B 101 -11.95 11.83 -3.10
CA GLY B 101 -10.50 11.79 -3.18
C GLY B 101 -9.98 12.54 -4.39
N THR B 102 -8.82 13.16 -4.21
CA THR B 102 -8.14 13.90 -5.27
C THR B 102 -6.68 13.49 -5.29
N LYS B 103 -6.19 13.07 -6.45
CA LYS B 103 -4.78 12.75 -6.63
C LYS B 103 -4.03 14.03 -6.98
N LEU B 104 -3.11 14.42 -6.11
CA LEU B 104 -2.23 15.57 -6.37
C LEU B 104 -0.95 15.02 -6.99
N THR B 105 -0.75 15.30 -8.27
CA THR B 105 0.47 14.90 -8.98
C THR B 105 1.39 16.11 -9.07
N VAL B 106 2.62 15.94 -8.60
CA VAL B 106 3.63 16.98 -8.68
C VAL B 106 4.52 16.62 -9.86
N LEU B 107 4.13 17.08 -11.05
CA LEU B 107 4.91 16.83 -12.26
C LEU B 107 6.13 17.75 -12.31
N GLY B 108 7.17 17.28 -13.00
CA GLY B 108 8.36 18.09 -13.16
C GLY B 108 9.40 17.96 -12.07
N GLN B 109 9.43 16.84 -11.37
CA GLN B 109 10.47 16.60 -10.38
C GLN B 109 11.78 16.22 -11.09
N PRO B 110 12.91 16.25 -10.39
CA PRO B 110 14.18 15.92 -11.04
C PRO B 110 14.17 14.52 -11.63
N LYS B 111 14.66 14.41 -12.86
CA LYS B 111 14.73 13.13 -13.53
C LYS B 111 15.76 12.22 -12.88
N ALA B 112 15.56 10.92 -13.01
CA ALA B 112 16.46 9.94 -12.42
C ALA B 112 16.51 8.72 -13.33
N ALA B 113 17.71 8.33 -13.71
CA ALA B 113 17.85 7.19 -14.61
C ALA B 113 17.65 5.88 -13.84
N PRO B 114 17.11 4.85 -14.51
CA PRO B 114 16.87 3.58 -13.82
C PRO B 114 18.15 2.83 -13.49
N SER B 115 18.17 2.23 -12.31
CA SER B 115 19.18 1.22 -11.97
C SER B 115 18.63 -0.15 -12.34
N VAL B 116 19.37 -0.88 -13.18
CA VAL B 116 18.90 -2.15 -13.72
C VAL B 116 19.82 -3.26 -13.25
N THR B 117 19.24 -4.33 -12.71
CA THR B 117 19.96 -5.55 -12.35
C THR B 117 19.22 -6.74 -12.92
N LEU B 118 19.91 -7.56 -13.70
CA LEU B 118 19.33 -8.75 -14.31
C LEU B 118 19.89 -9.98 -13.61
N PHE B 119 19.00 -10.82 -13.10
CA PHE B 119 19.39 -12.05 -12.43
C PHE B 119 19.07 -13.25 -13.29
N PRO B 120 19.97 -14.22 -13.39
CA PRO B 120 19.68 -15.43 -14.16
C PRO B 120 18.83 -16.39 -13.34
N PRO B 121 18.36 -17.49 -13.93
CA PRO B 121 17.68 -18.50 -13.13
C PRO B 121 18.60 -19.07 -12.05
N SER B 122 18.03 -19.35 -10.88
CA SER B 122 18.83 -19.92 -9.82
C SER B 122 19.03 -21.41 -10.05
N SER B 123 20.09 -21.94 -9.43
CA SER B 123 20.34 -23.38 -9.51
C SER B 123 19.20 -24.17 -8.91
N GLU B 124 18.63 -23.67 -7.81
CA GLU B 124 17.50 -24.36 -7.18
C GLU B 124 16.30 -24.41 -8.12
N GLU B 125 16.07 -23.34 -8.89
CA GLU B 125 14.91 -23.32 -9.77
C GLU B 125 15.13 -24.22 -10.98
N LEU B 126 16.34 -24.20 -11.55
CA LEU B 126 16.66 -25.11 -12.65
C LEU B 126 16.56 -26.56 -12.20
N GLN B 127 17.13 -26.88 -11.04
CA GLN B 127 17.00 -28.23 -10.49
C GLN B 127 15.55 -28.61 -10.22
N ALA B 128 14.66 -27.62 -10.08
CA ALA B 128 13.23 -27.87 -10.00
C ALA B 128 12.56 -27.84 -11.37
N ASN B 129 13.34 -27.86 -12.45
CA ASN B 129 12.84 -27.93 -13.83
C ASN B 129 12.08 -26.68 -14.25
N LYS B 130 12.44 -25.52 -13.69
CA LYS B 130 11.86 -24.24 -14.08
C LYS B 130 12.99 -23.23 -14.28
N ALA B 131 12.66 -22.10 -14.91
CA ALA B 131 13.66 -21.08 -15.19
C ALA B 131 12.97 -19.72 -15.31
N THR B 132 13.44 -18.74 -14.55
CA THR B 132 12.93 -17.38 -14.59
C THR B 132 14.09 -16.40 -14.61
N LEU B 133 14.09 -15.49 -15.57
CA LEU B 133 15.02 -14.37 -15.56
C LEU B 133 14.32 -13.16 -14.95
N VAL B 134 14.99 -12.49 -14.04
CA VAL B 134 14.41 -11.41 -13.26
C VAL B 134 15.16 -10.13 -13.58
N CYS B 135 14.48 -9.18 -14.22
CA CYS B 135 15.02 -7.88 -14.54
C CYS B 135 14.39 -6.86 -13.60
N LEU B 136 15.20 -6.27 -12.74
CA LEU B 136 14.71 -5.33 -11.74
C LEU B 136 15.14 -3.91 -12.08
N ILE B 137 14.21 -2.98 -11.93
CA ILE B 137 14.38 -1.58 -12.36
C ILE B 137 13.92 -0.70 -11.21
N SER B 138 14.80 0.18 -10.72
CA SER B 138 14.48 0.97 -9.56
C SER B 138 15.05 2.38 -9.68
N ASP B 139 14.51 3.27 -8.85
CA ASP B 139 15.04 4.62 -8.63
C ASP B 139 14.98 5.50 -9.87
N PHE B 140 13.96 5.32 -10.70
CA PHE B 140 13.81 6.11 -11.90
C PHE B 140 12.60 7.03 -11.80
N TYR B 141 12.68 8.15 -12.53
CA TYR B 141 11.63 9.16 -12.58
C TYR B 141 11.78 9.91 -13.89
N PRO B 142 10.69 10.14 -14.64
CA PRO B 142 9.30 9.76 -14.31
C PRO B 142 9.01 8.27 -14.45
N GLY B 143 7.75 7.87 -14.24
CA GLY B 143 7.37 6.48 -14.14
C GLY B 143 7.12 5.75 -15.44
N ALA B 144 7.25 6.43 -16.58
CA ALA B 144 7.04 5.78 -17.86
C ALA B 144 8.32 5.08 -18.29
N VAL B 145 8.20 3.81 -18.67
CA VAL B 145 9.37 3.01 -19.02
C VAL B 145 8.92 1.94 -20.00
N THR B 146 9.85 1.55 -20.88
CA THR B 146 9.62 0.49 -21.84
C THR B 146 10.65 -0.61 -21.62
N VAL B 147 10.19 -1.85 -21.49
CA VAL B 147 11.05 -2.98 -21.19
C VAL B 147 10.95 -4.00 -22.33
N ALA B 148 12.09 -4.40 -22.88
CA ALA B 148 12.15 -5.39 -23.93
C ALA B 148 13.17 -6.47 -23.58
N TRP B 149 12.92 -7.68 -24.05
CA TRP B 149 13.80 -8.82 -23.83
C TRP B 149 14.35 -9.30 -25.16
N LYS B 150 15.58 -9.81 -25.14
CA LYS B 150 16.18 -10.46 -26.29
C LYS B 150 16.74 -11.82 -25.90
N ALA B 151 16.55 -12.79 -26.78
CA ALA B 151 17.25 -14.07 -26.71
C ALA B 151 18.38 -14.02 -27.73
N ASP B 152 19.61 -14.17 -27.26
CA ASP B 152 20.79 -13.80 -28.05
C ASP B 152 20.62 -12.38 -28.54
N SER B 153 20.51 -12.18 -29.86
CA SER B 153 20.26 -10.87 -30.43
C SER B 153 18.84 -10.74 -30.99
N SER B 154 17.99 -11.74 -30.78
CA SER B 154 16.65 -11.75 -31.35
C SER B 154 15.60 -11.33 -30.31
N PRO B 155 14.61 -10.55 -30.71
CA PRO B 155 13.59 -10.12 -29.75
C PRO B 155 12.70 -11.28 -29.34
N VAL B 156 12.26 -11.26 -28.08
CA VAL B 156 11.35 -12.27 -27.56
C VAL B 156 10.28 -11.57 -26.73
N LYS B 157 9.02 -11.95 -26.96
CA LYS B 157 7.90 -11.49 -26.14
C LYS B 157 7.17 -12.62 -25.44
N ALA B 158 7.32 -13.87 -25.88
CA ALA B 158 6.63 -14.99 -25.27
C ALA B 158 7.22 -15.28 -23.88
N GLY B 159 6.35 -15.39 -22.88
CA GLY B 159 6.78 -15.68 -21.53
C GLY B 159 7.21 -14.48 -20.71
N VAL B 160 6.87 -13.27 -21.15
CA VAL B 160 7.31 -12.04 -20.49
C VAL B 160 6.14 -11.46 -19.70
N GLU B 161 6.39 -11.15 -18.43
CA GLU B 161 5.44 -10.42 -17.59
C GLU B 161 6.16 -9.23 -16.97
N THR B 162 5.56 -8.05 -17.07
CA THR B 162 6.19 -6.82 -16.61
C THR B 162 5.22 -6.03 -15.75
N THR B 163 5.68 -5.60 -14.58
CA THR B 163 4.85 -4.82 -13.68
C THR B 163 4.58 -3.43 -14.24
N THR B 164 3.43 -2.88 -13.86
CA THR B 164 3.23 -1.44 -13.99
C THR B 164 4.09 -0.74 -12.95
N PRO B 165 4.90 0.24 -13.33
CA PRO B 165 5.78 0.91 -12.36
C PRO B 165 4.98 1.67 -11.31
N SER B 166 5.54 1.72 -10.11
CA SER B 166 4.90 2.42 -9.00
C SER B 166 5.96 3.08 -8.13
N LYS B 167 5.58 4.17 -7.47
CA LYS B 167 6.53 4.88 -6.63
C LYS B 167 6.80 4.11 -5.35
N GLN B 168 8.07 4.12 -4.92
CA GLN B 168 8.47 3.46 -3.69
C GLN B 168 8.61 4.50 -2.57
N SER B 169 9.13 4.06 -1.42
CA SER B 169 9.18 4.93 -0.25
C SER B 169 10.06 6.16 -0.49
N ASN B 170 11.05 6.05 -1.39
CA ASN B 170 11.96 7.14 -1.68
C ASN B 170 11.43 8.10 -2.74
N ASN B 171 10.12 8.07 -3.01
CA ASN B 171 9.47 8.92 -4.01
C ASN B 171 10.00 8.67 -5.42
N LYS B 172 10.64 7.53 -5.66
CA LYS B 172 11.08 7.14 -6.99
C LYS B 172 10.37 5.86 -7.42
N TYR B 173 10.35 5.63 -8.73
CA TYR B 173 9.60 4.53 -9.31
C TYR B 173 10.44 3.27 -9.41
N ALA B 174 9.75 2.13 -9.33
CA ALA B 174 10.39 0.82 -9.48
C ALA B 174 9.52 -0.06 -10.37
N ALA B 175 10.16 -1.05 -10.99
CA ALA B 175 9.46 -1.98 -11.86
C ALA B 175 10.25 -3.28 -11.95
N SER B 176 9.58 -4.33 -12.38
CA SER B 176 10.19 -5.64 -12.57
C SER B 176 9.65 -6.25 -13.85
N SER B 177 10.50 -7.00 -14.54
CA SER B 177 10.08 -7.80 -15.67
C SER B 177 10.61 -9.21 -15.48
N TYR B 178 9.77 -10.20 -15.76
CA TYR B 178 10.12 -11.60 -15.60
C TYR B 178 10.00 -12.31 -16.94
N LEU B 179 10.99 -13.14 -17.25
CA LEU B 179 10.98 -13.97 -18.45
C LEU B 179 11.06 -15.42 -18.01
N SER B 180 9.99 -16.18 -18.25
CA SER B 180 9.94 -17.59 -17.91
C SER B 180 10.39 -18.43 -19.11
N LEU B 181 11.28 -19.39 -18.85
CA LEU B 181 11.81 -20.28 -19.87
C LEU B 181 11.83 -21.71 -19.31
N THR B 182 12.03 -22.67 -20.21
CA THR B 182 12.42 -23.99 -19.74
C THR B 182 13.92 -24.00 -19.46
N PRO B 183 14.38 -24.90 -18.59
CA PRO B 183 15.84 -25.00 -18.38
C PRO B 183 16.62 -25.25 -19.66
N GLU B 184 16.09 -26.07 -20.57
CA GLU B 184 16.84 -26.32 -21.80
C GLU B 184 16.85 -25.11 -22.72
N GLN B 185 15.81 -24.28 -22.69
CA GLN B 185 15.83 -23.04 -23.46
C GLN B 185 16.85 -22.06 -22.90
N TRP B 186 16.98 -22.03 -21.58
CA TRP B 186 17.99 -21.18 -20.95
C TRP B 186 19.40 -21.68 -21.28
N LYS B 187 19.63 -22.99 -21.19
CA LYS B 187 20.95 -23.54 -21.44
C LYS B 187 21.32 -23.55 -22.91
N SER B 188 20.34 -23.46 -23.82
CA SER B 188 20.62 -23.59 -25.24
C SER B 188 21.01 -22.26 -25.91
N HIS B 189 20.66 -21.13 -25.32
CA HIS B 189 20.97 -19.85 -25.92
C HIS B 189 22.31 -19.31 -25.42
N ARG B 190 22.93 -18.47 -26.23
CA ARG B 190 24.20 -17.87 -25.83
C ARG B 190 24.00 -16.85 -24.72
N SER B 191 22.91 -16.08 -24.78
CA SER B 191 22.64 -15.07 -23.76
C SER B 191 21.21 -14.59 -23.86
N TYR B 192 20.76 -13.94 -22.79
CA TYR B 192 19.48 -13.25 -22.74
C TYR B 192 19.72 -11.84 -22.21
N SER B 193 18.94 -10.88 -22.70
CA SER B 193 19.09 -9.49 -22.31
C SER B 193 17.73 -8.88 -21.97
N CYS B 194 17.73 -7.94 -21.02
CA CYS B 194 16.58 -7.06 -20.82
C CYS B 194 17.02 -5.63 -21.12
N GLN B 195 16.26 -4.98 -21.99
CA GLN B 195 16.51 -3.60 -22.41
C GLN B 195 15.48 -2.70 -21.76
N VAL B 196 15.95 -1.68 -21.05
CA VAL B 196 15.07 -0.77 -20.32
C VAL B 196 15.24 0.61 -20.95
N THR B 197 14.17 1.11 -21.56
CA THR B 197 14.16 2.43 -22.19
C THR B 197 13.41 3.40 -21.29
N HIS B 198 14.07 4.50 -20.93
CA HIS B 198 13.51 5.51 -20.04
C HIS B 198 13.83 6.87 -20.61
N GLU B 199 12.80 7.61 -21.05
CA GLU B 199 12.97 8.96 -21.58
C GLU B 199 13.93 8.97 -22.78
N GLY B 200 13.72 8.02 -23.70
CA GLY B 200 14.44 7.99 -24.95
C GLY B 200 15.77 7.26 -24.93
N SER B 201 16.32 6.99 -23.76
CA SER B 201 17.61 6.31 -23.65
C SER B 201 17.43 4.92 -23.07
N THR B 202 18.32 4.01 -23.44
CA THR B 202 18.16 2.59 -23.15
C THR B 202 19.34 2.06 -22.35
N VAL B 203 19.03 1.23 -21.36
CA VAL B 203 20.03 0.47 -20.61
C VAL B 203 19.73 -1.01 -20.82
N GLU B 204 20.76 -1.78 -21.19
CA GLU B 204 20.61 -3.20 -21.46
C GLU B 204 21.58 -3.98 -20.58
N LYS B 205 21.05 -4.94 -19.83
CA LYS B 205 21.85 -5.91 -19.09
C LYS B 205 21.70 -7.28 -19.73
N THR B 206 22.77 -8.07 -19.67
CA THR B 206 22.83 -9.36 -20.34
C THR B 206 23.35 -10.42 -19.39
N VAL B 207 22.81 -11.64 -19.50
CA VAL B 207 23.29 -12.79 -18.73
C VAL B 207 23.42 -13.99 -19.67
N ALA B 208 24.25 -14.94 -19.25
CA ALA B 208 24.54 -16.12 -20.05
C ALA B 208 24.65 -17.33 -19.14
N PRO B 209 24.30 -18.53 -19.63
CA PRO B 209 24.42 -19.76 -18.84
C PRO B 209 25.80 -20.38 -18.92
N ARG C 4 -24.90 18.81 26.63
CA ARG C 4 -24.05 17.65 26.36
C ARG C 4 -23.75 17.51 24.87
N SER C 5 -22.50 17.18 24.55
CA SER C 5 -22.06 17.03 23.17
C SER C 5 -21.63 15.59 22.92
N PHE C 6 -22.20 14.99 21.88
CA PHE C 6 -21.77 13.69 21.39
C PHE C 6 -20.71 13.89 20.31
N ILE C 7 -20.12 12.78 19.85
CA ILE C 7 -18.93 12.88 19.01
C ILE C 7 -19.23 13.63 17.72
N GLU C 8 -20.44 13.47 17.17
CA GLU C 8 -20.78 14.22 15.95
C GLU C 8 -20.97 15.70 16.24
N ASP C 9 -21.49 16.05 17.42
CA ASP C 9 -21.53 17.45 17.82
C ASP C 9 -20.12 18.01 17.95
N LEU C 10 -19.24 17.29 18.64
CA LEU C 10 -17.88 17.77 18.85
C LEU C 10 -17.13 17.94 17.54
N LEU C 11 -17.34 17.03 16.59
CA LEU C 11 -16.55 17.04 15.36
C LEU C 11 -17.17 17.90 14.26
N PHE C 12 -18.48 17.83 14.06
CA PHE C 12 -19.06 18.32 12.81
C PHE C 12 -20.04 19.48 12.98
N ASN C 13 -20.85 19.51 14.04
CA ASN C 13 -21.91 20.51 14.14
C ASN C 13 -21.31 21.89 14.36
N LYS C 14 -21.63 22.83 13.46
CA LYS C 14 -21.12 24.19 13.56
C LYS C 14 -21.97 25.04 14.50
#